data_4XAP
#
_entry.id   4XAP
#
_cell.length_a   44.533
_cell.length_b   78.068
_cell.length_c   79.073
_cell.angle_alpha   90.000
_cell.angle_beta   90.000
_cell.angle_gamma   90.000
#
_symmetry.space_group_name_H-M   'P 21 21 21'
#
loop_
_entity.id
_entity.type
_entity.pdbx_description
1 polymer 'Aldo-keto reductase'
2 water water
#
_entity_poly.entity_id   1
_entity_poly.type   'polypeptide(L)'
_entity_poly.pdbx_seq_one_letter_code
;SMHDPIPTIAFPDGRKVPALGQGTWRMGENRAKTADEVRSLQTGLDLGMTLIDTAEMYGDGAAERIVGEAIKGRRDEAFV
VSKVLPSNASRAGTVAACERSLRNLGIDCVDLYLLHWRGGYPLAETVAAFEELKKAGKIRAWGVSNFDVDDMEELSAVPD
GGNVAANQVLYNLARRGIEFDLLPRCRAQGVPVMAYSPLDEGRLLHDADLIHIAKAHQATPAQVALAFLKTCSGVISIPK
TGSPERARENRDAMDIHLTTENLAELDRHFPPPRRKTRLEVI
;
_entity_poly.pdbx_strand_id   A
#
# COMPACT_ATOMS: atom_id res chain seq x y z
N MET A 2 15.97 16.97 -11.69
CA MET A 2 17.07 16.50 -10.84
C MET A 2 16.69 15.37 -9.89
N HIS A 3 15.53 14.71 -10.03
CA HIS A 3 15.24 13.52 -9.22
C HIS A 3 15.62 12.25 -9.99
N ASP A 4 16.03 11.19 -9.30
CA ASP A 4 16.21 9.91 -9.98
C ASP A 4 14.85 9.25 -10.04
N PRO A 5 14.53 8.57 -11.16
CA PRO A 5 13.38 7.68 -11.28
C PRO A 5 13.13 6.78 -10.08
N ILE A 6 11.88 6.42 -9.92
CA ILE A 6 11.41 5.57 -8.87
C ILE A 6 11.47 4.20 -9.46
N PRO A 7 12.06 3.24 -8.73
CA PRO A 7 12.07 1.82 -9.23
C PRO A 7 10.64 1.33 -9.31
N THR A 8 10.42 0.35 -10.16
CA THR A 8 9.07 -0.15 -10.32
C THR A 8 9.03 -1.60 -9.88
N ILE A 9 7.82 -2.02 -9.56
CA ILE A 9 7.58 -3.30 -8.98
C ILE A 9 6.56 -3.93 -9.95
N ALA A 10 6.80 -5.15 -10.39
CA ALA A 10 5.90 -5.86 -11.31
C ALA A 10 4.83 -6.65 -10.54
N PHE A 11 3.58 -6.58 -10.97
CA PHE A 11 2.57 -7.53 -10.49
C PHE A 11 2.67 -8.83 -11.27
N PRO A 12 2.07 -9.89 -10.74
CA PRO A 12 1.98 -11.16 -11.47
C PRO A 12 1.42 -11.00 -12.87
N ASP A 13 0.35 -10.24 -13.03
CA ASP A 13 -0.21 -10.07 -14.37
C ASP A 13 0.74 -9.36 -15.34
N GLY A 14 1.87 -8.79 -14.89
CA GLY A 14 2.79 -8.13 -15.80
C GLY A 14 2.81 -6.60 -15.75
N ARG A 15 1.81 -5.94 -15.15
CA ARG A 15 1.86 -4.47 -14.99
C ARG A 15 2.89 -4.02 -13.94
N LYS A 16 3.41 -2.82 -14.14
CA LYS A 16 4.47 -2.29 -13.34
C LYS A 16 3.94 -1.00 -12.69
N VAL A 17 4.30 -0.79 -11.42
CA VAL A 17 3.99 0.47 -10.76
C VAL A 17 5.22 0.96 -10.04
N PRO A 18 5.29 2.27 -9.77
CA PRO A 18 6.42 2.77 -9.03
C PRO A 18 6.34 2.25 -7.61
N ALA A 19 7.51 2.01 -7.01
CA ALA A 19 7.66 1.48 -5.66
C ALA A 19 7.24 2.39 -4.52
N LEU A 20 6.85 3.61 -4.85
CA LEU A 20 6.40 4.54 -3.88
C LEU A 20 5.02 5.03 -4.32
N GLY A 21 4.03 4.79 -3.43
CA GLY A 21 2.66 5.14 -3.70
C GLY A 21 2.11 6.08 -2.66
N GLN A 22 0.80 6.21 -2.57
CA GLN A 22 0.19 7.21 -1.69
C GLN A 22 -0.97 6.61 -0.97
N GLY A 23 -1.02 6.77 0.34
CA GLY A 23 -2.18 6.32 1.13
C GLY A 23 -3.10 7.44 1.51
N THR A 24 -4.31 7.05 1.86
CA THR A 24 -5.42 7.94 2.14
C THR A 24 -6.14 7.73 3.46
N TRP A 25 -5.59 6.96 4.37
CA TRP A 25 -6.25 6.69 5.61
C TRP A 25 -6.41 7.99 6.33
N ARG A 26 -7.62 8.27 6.75
CA ARG A 26 -7.98 9.45 7.51
C ARG A 26 -8.16 10.74 6.69
N MET A 27 -7.98 10.66 5.39
CA MET A 27 -8.48 11.72 4.50
C MET A 27 -10.02 11.70 4.55
N GLY A 28 -10.60 12.87 4.24
CA GLY A 28 -12.03 12.99 4.07
C GLY A 28 -12.79 13.43 5.29
N GLU A 29 -12.10 13.64 6.41
CA GLU A 29 -12.75 13.90 7.69
C GLU A 29 -12.76 15.38 8.13
N ASN A 30 -11.78 16.13 7.70
CA ASN A 30 -11.80 17.51 7.95
C ASN A 30 -12.06 18.26 6.66
N ARG A 31 -13.25 18.86 6.55
CA ARG A 31 -13.61 19.69 5.38
C ARG A 31 -12.60 20.84 5.15
N ALA A 32 -11.97 21.36 6.21
CA ALA A 32 -10.88 22.36 6.06
C ALA A 32 -9.65 21.80 5.35
N LYS A 33 -9.44 20.48 5.41
CA LYS A 33 -8.25 19.87 4.84
C LYS A 33 -8.47 19.38 3.42
N THR A 34 -9.72 19.41 2.99
CA THR A 34 -10.14 18.69 1.79
C THR A 34 -9.38 19.08 0.50
N ALA A 35 -9.35 20.37 0.25
CA ALA A 35 -8.62 20.88 -0.90
C ALA A 35 -7.13 20.51 -0.85
N ASP A 36 -6.51 20.58 0.34
CA ASP A 36 -5.14 20.12 0.52
C ASP A 36 -4.95 18.61 0.22
N GLU A 37 -5.86 17.77 0.72
CA GLU A 37 -5.74 16.36 0.50
C GLU A 37 -5.83 16.07 -0.98
N VAL A 38 -6.80 16.67 -1.62
CA VAL A 38 -6.99 16.43 -3.04
C VAL A 38 -5.71 16.84 -3.81
N ARG A 39 -5.21 18.04 -3.49
CA ARG A 39 -4.06 18.55 -4.20
C ARG A 39 -2.79 17.76 -3.89
N SER A 40 -2.66 17.18 -2.70
CA SER A 40 -1.46 16.39 -2.42
C SER A 40 -1.41 15.12 -3.28
N LEU A 41 -2.59 14.57 -3.56
CA LEU A 41 -2.74 13.38 -4.39
C LEU A 41 -2.50 13.76 -5.82
N GLN A 42 -3.01 14.89 -6.27
CA GLN A 42 -2.61 15.34 -7.62
C GLN A 42 -1.11 15.56 -7.74
N THR A 43 -0.54 16.15 -6.70
CA THR A 43 0.87 16.46 -6.73
C THR A 43 1.68 15.18 -6.82
N GLY A 44 1.22 14.20 -6.03
CA GLY A 44 1.85 12.93 -5.99
C GLY A 44 1.88 12.27 -7.35
N LEU A 45 0.75 12.31 -8.04
CA LEU A 45 0.67 11.68 -9.37
C LEU A 45 1.64 12.38 -10.32
N ASP A 46 1.66 13.70 -10.26
CA ASP A 46 2.57 14.44 -11.17
C ASP A 46 4.06 14.13 -10.82
N LEU A 47 4.36 13.87 -9.54
CA LEU A 47 5.73 13.47 -9.17
C LEU A 47 6.09 11.97 -9.47
N GLY A 48 5.13 11.23 -10.02
CA GLY A 48 5.30 9.84 -10.40
C GLY A 48 4.92 8.81 -9.33
N MET A 49 4.14 9.20 -8.31
CA MET A 49 3.71 8.25 -7.26
C MET A 49 2.31 7.83 -7.60
N THR A 50 2.22 6.91 -8.54
CA THR A 50 1.05 6.76 -9.38
C THR A 50 0.05 5.85 -8.68
N LEU A 51 0.52 4.94 -7.82
CA LEU A 51 -0.39 4.16 -6.97
C LEU A 51 -1.05 4.96 -5.86
N ILE A 52 -2.39 4.93 -5.82
CA ILE A 52 -3.14 5.54 -4.72
C ILE A 52 -3.97 4.49 -4.03
N ASP A 53 -3.75 4.39 -2.72
CA ASP A 53 -4.38 3.38 -1.92
C ASP A 53 -5.53 3.90 -1.06
N THR A 54 -6.70 3.29 -1.20
CA THR A 54 -7.82 3.68 -0.38
C THR A 54 -8.60 2.44 0.03
N ALA A 55 -9.75 2.65 0.66
CA ALA A 55 -10.59 1.59 1.18
C ALA A 55 -12.01 2.08 1.33
N GLU A 56 -13.00 1.19 1.38
CA GLU A 56 -14.37 1.59 1.66
C GLU A 56 -14.48 2.03 3.11
N MET A 57 -13.69 1.48 4.00
CA MET A 57 -13.89 1.87 5.38
C MET A 57 -13.42 3.29 5.69
N TYR A 58 -12.56 3.89 4.87
CA TYR A 58 -11.95 5.19 5.24
C TYR A 58 -13.00 6.26 5.23
N GLY A 59 -13.59 6.55 6.36
CA GLY A 59 -14.71 7.45 6.42
C GLY A 59 -15.91 7.06 5.61
N ASP A 60 -16.18 5.77 5.51
CA ASP A 60 -17.35 5.28 4.81
C ASP A 60 -17.51 5.90 3.43
N GLY A 61 -16.46 5.82 2.63
CA GLY A 61 -16.47 6.32 1.27
C GLY A 61 -15.95 7.71 1.07
N ALA A 62 -15.67 8.38 2.16
CA ALA A 62 -15.16 9.76 2.12
C ALA A 62 -13.79 9.81 1.48
N ALA A 63 -12.88 8.93 1.91
CA ALA A 63 -11.55 8.92 1.24
C ALA A 63 -11.69 8.57 -0.24
N GLU A 64 -12.55 7.61 -0.55
CA GLU A 64 -12.79 7.27 -1.95
C GLU A 64 -13.23 8.49 -2.76
N ARG A 65 -14.12 9.31 -2.19
CA ARG A 65 -14.57 10.48 -2.90
C ARG A 65 -13.46 11.49 -3.07
N ILE A 66 -12.54 11.57 -2.12
CA ILE A 66 -11.43 12.53 -2.25
C ILE A 66 -10.63 12.08 -3.45
N VAL A 67 -10.30 10.78 -3.46
CA VAL A 67 -9.50 10.21 -4.54
C VAL A 67 -10.25 10.47 -5.85
N GLY A 68 -11.56 10.20 -5.87
CA GLY A 68 -12.37 10.44 -7.05
C GLY A 68 -12.23 11.86 -7.59
N GLU A 69 -12.18 12.85 -6.71
CA GLU A 69 -11.99 14.22 -7.15
C GLU A 69 -10.59 14.46 -7.62
N ALA A 70 -9.61 13.86 -6.94
CA ALA A 70 -8.21 14.07 -7.29
C ALA A 70 -7.94 13.63 -8.70
N ILE A 71 -8.59 12.55 -9.15
CA ILE A 71 -8.21 11.93 -10.44
C ILE A 71 -9.08 12.33 -11.61
N LYS A 72 -10.04 13.18 -11.38
CA LYS A 72 -10.79 13.73 -12.47
C LYS A 72 -9.90 14.32 -13.54
N GLY A 73 -10.23 13.96 -14.78
CA GLY A 73 -9.51 14.36 -15.96
C GLY A 73 -8.14 13.72 -16.11
N ARG A 74 -7.80 12.71 -15.28
CA ARG A 74 -6.47 12.06 -15.28
C ARG A 74 -6.52 10.63 -14.71
N ARG A 75 -7.65 9.96 -14.92
CA ARG A 75 -7.83 8.58 -14.57
C ARG A 75 -6.67 7.71 -15.02
N ASP A 76 -6.17 8.00 -16.20
CA ASP A 76 -5.08 7.23 -16.75
C ASP A 76 -3.71 7.47 -16.10
N GLU A 77 -3.55 8.56 -15.37
CA GLU A 77 -2.30 8.86 -14.67
C GLU A 77 -2.19 7.98 -13.35
N ALA A 78 -3.30 7.40 -12.90
CA ALA A 78 -3.35 6.75 -11.55
C ALA A 78 -3.54 5.27 -11.61
N PHE A 79 -2.91 4.57 -10.67
CA PHE A 79 -3.21 3.20 -10.39
C PHE A 79 -4.01 3.13 -9.07
N VAL A 80 -5.29 2.84 -9.14
CA VAL A 80 -6.19 3.05 -8.00
C VAL A 80 -6.45 1.73 -7.28
N VAL A 81 -6.15 1.72 -5.97
CA VAL A 81 -6.45 0.60 -5.12
C VAL A 81 -7.53 0.89 -4.12
N SER A 82 -8.47 -0.04 -3.99
CA SER A 82 -9.42 -0.01 -2.87
C SER A 82 -9.64 -1.37 -2.26
N LYS A 83 -10.55 -1.43 -1.30
CA LYS A 83 -10.65 -2.59 -0.44
C LYS A 83 -12.08 -2.86 -0.02
N VAL A 84 -12.35 -4.12 0.28
CA VAL A 84 -13.63 -4.56 0.82
C VAL A 84 -13.41 -5.03 2.24
N LEU A 85 -14.22 -4.50 3.13
CA LEU A 85 -14.17 -4.97 4.53
C LEU A 85 -14.62 -6.40 4.56
N PRO A 86 -14.02 -7.22 5.46
CA PRO A 86 -14.41 -8.66 5.48
C PRO A 86 -15.85 -8.94 5.90
N SER A 87 -16.47 -8.02 6.65
CA SER A 87 -17.89 -8.16 6.94
C SER A 87 -18.71 -8.06 5.65
N ASN A 88 -18.16 -7.51 4.58
CA ASN A 88 -18.91 -7.38 3.34
C ASN A 88 -18.56 -8.36 2.27
N ALA A 89 -17.62 -9.24 2.58
CA ALA A 89 -16.91 -10.03 1.61
C ALA A 89 -17.57 -11.37 1.27
N SER A 90 -18.90 -11.41 1.36
CA SER A 90 -19.64 -12.51 0.81
C SER A 90 -19.68 -12.38 -0.72
N ARG A 91 -20.34 -13.34 -1.37
CA ARG A 91 -20.40 -13.37 -2.82
C ARG A 91 -21.17 -12.19 -3.41
N ALA A 92 -22.38 -11.95 -2.89
CA ALA A 92 -23.14 -10.80 -3.33
C ALA A 92 -22.64 -9.48 -2.72
N GLY A 93 -22.14 -9.54 -1.47
CA GLY A 93 -21.71 -8.34 -0.78
C GLY A 93 -20.47 -7.65 -1.33
N THR A 94 -19.51 -8.43 -1.80
CA THR A 94 -18.30 -7.95 -2.44
C THR A 94 -18.62 -7.20 -3.72
N VAL A 95 -19.54 -7.74 -4.50
CA VAL A 95 -19.96 -7.10 -5.73
C VAL A 95 -20.66 -5.80 -5.38
N ALA A 96 -21.54 -5.84 -4.38
CA ALA A 96 -22.20 -4.60 -3.99
C ALA A 96 -21.19 -3.56 -3.49
N ALA A 97 -20.20 -4.03 -2.72
CA ALA A 97 -19.17 -3.13 -2.16
C ALA A 97 -18.34 -2.53 -3.27
N CYS A 98 -18.03 -3.33 -4.28
CA CYS A 98 -17.20 -2.86 -5.38
C CYS A 98 -17.94 -1.80 -6.11
N GLU A 99 -19.25 -2.01 -6.26
CA GLU A 99 -20.09 -1.06 -6.95
C GLU A 99 -20.19 0.28 -6.22
N ARG A 100 -20.30 0.29 -4.89
CA ARG A 100 -20.29 1.55 -4.16
C ARG A 100 -18.93 2.21 -4.26
N SER A 101 -17.88 1.39 -4.31
CA SER A 101 -16.59 1.95 -4.41
C SER A 101 -16.41 2.69 -5.77
N LEU A 102 -16.80 2.03 -6.85
CA LEU A 102 -16.76 2.62 -8.20
C LEU A 102 -17.56 3.93 -8.29
N ARG A 103 -18.78 3.93 -7.77
CA ARG A 103 -19.54 5.18 -7.67
C ARG A 103 -18.76 6.25 -6.91
N ASN A 104 -18.25 5.94 -5.72
CA ASN A 104 -17.53 6.98 -4.97
C ASN A 104 -16.34 7.50 -5.67
N LEU A 105 -15.63 6.60 -6.35
CA LEU A 105 -14.39 6.96 -7.00
C LEU A 105 -14.63 7.68 -8.28
N GLY A 106 -15.84 7.48 -8.80
CA GLY A 106 -16.29 8.11 -10.03
C GLY A 106 -15.67 7.42 -11.23
N ILE A 107 -15.41 6.12 -11.17
CA ILE A 107 -14.71 5.45 -12.28
C ILE A 107 -15.34 4.10 -12.66
N ASP A 108 -14.97 3.56 -13.81
CA ASP A 108 -15.52 2.28 -14.29
C ASP A 108 -14.84 1.02 -13.75
N CYS A 109 -13.58 1.11 -13.34
CA CYS A 109 -12.78 -0.07 -13.03
C CYS A 109 -11.66 0.30 -12.05
N VAL A 110 -11.51 -0.44 -10.96
CA VAL A 110 -10.33 -0.24 -10.13
C VAL A 110 -9.21 -1.06 -10.66
N ASP A 111 -8.00 -0.59 -10.39
CA ASP A 111 -6.81 -1.37 -10.81
C ASP A 111 -6.53 -2.60 -9.97
N LEU A 112 -6.82 -2.50 -8.66
CA LEU A 112 -6.53 -3.54 -7.71
C LEU A 112 -7.52 -3.41 -6.57
N TYR A 113 -8.23 -4.52 -6.30
CA TYR A 113 -9.20 -4.56 -5.23
C TYR A 113 -8.79 -5.62 -4.19
N LEU A 114 -8.73 -5.24 -2.91
CA LEU A 114 -8.19 -6.13 -1.88
C LEU A 114 -9.20 -6.49 -0.81
N LEU A 115 -9.07 -7.70 -0.29
CA LEU A 115 -9.78 -8.05 0.93
C LEU A 115 -8.97 -7.49 2.08
N HIS A 116 -9.64 -6.76 2.96
CA HIS A 116 -8.98 -5.87 3.92
C HIS A 116 -8.24 -6.59 5.08
N TRP A 117 -8.84 -7.66 5.53
CA TRP A 117 -8.24 -8.57 6.46
C TRP A 117 -9.12 -9.83 6.44
N ARG A 118 -8.66 -10.87 7.12
CA ARG A 118 -9.31 -12.18 7.08
C ARG A 118 -10.58 -12.18 7.94
N GLY A 119 -11.70 -12.57 7.38
CA GLY A 119 -12.96 -12.54 8.14
C GLY A 119 -13.61 -13.91 8.18
N GLY A 120 -14.93 -13.92 8.37
CA GLY A 120 -15.64 -15.15 8.55
C GLY A 120 -16.24 -15.76 7.29
N TYR A 121 -16.22 -15.07 6.13
CA TYR A 121 -16.74 -15.71 4.88
C TYR A 121 -15.66 -16.59 4.26
N PRO A 122 -16.06 -17.77 3.80
CA PRO A 122 -15.11 -18.66 3.18
C PRO A 122 -14.27 -17.90 2.14
N LEU A 123 -12.96 -18.11 2.16
CA LEU A 123 -12.13 -17.46 1.19
C LEU A 123 -12.63 -17.71 -0.23
N ALA A 124 -13.15 -18.91 -0.52
CA ALA A 124 -13.52 -19.26 -1.90
C ALA A 124 -14.69 -18.45 -2.47
N GLU A 125 -15.58 -17.96 -1.59
CA GLU A 125 -16.65 -17.08 -2.02
C GLU A 125 -16.12 -15.72 -2.45
N THR A 126 -15.21 -15.18 -1.65
CA THR A 126 -14.66 -13.85 -1.92
C THR A 126 -13.84 -13.89 -3.22
N VAL A 127 -13.06 -14.95 -3.41
CA VAL A 127 -12.27 -15.07 -4.61
C VAL A 127 -13.16 -15.18 -5.83
N ALA A 128 -14.20 -15.98 -5.72
CA ALA A 128 -15.18 -16.07 -6.79
C ALA A 128 -15.79 -14.75 -7.10
N ALA A 129 -16.17 -13.99 -6.07
CA ALA A 129 -16.72 -12.66 -6.38
C ALA A 129 -15.66 -11.75 -7.09
N PHE A 130 -14.44 -11.81 -6.59
CA PHE A 130 -13.33 -11.07 -7.15
C PHE A 130 -13.16 -11.48 -8.61
N GLU A 131 -13.19 -12.78 -8.88
CA GLU A 131 -12.99 -13.22 -10.29
C GLU A 131 -14.17 -12.85 -11.24
N GLU A 132 -15.40 -12.89 -10.72
CA GLU A 132 -16.53 -12.43 -11.48
C GLU A 132 -16.39 -10.94 -11.79
N LEU A 133 -15.81 -10.20 -10.87
CA LEU A 133 -15.66 -8.76 -11.06
C LEU A 133 -14.56 -8.48 -12.07
N LYS A 134 -13.45 -9.23 -12.01
CA LYS A 134 -12.40 -9.13 -13.01
C LYS A 134 -13.02 -9.40 -14.41
N LYS A 135 -13.73 -10.51 -14.55
CA LYS A 135 -14.29 -10.89 -15.82
C LYS A 135 -15.31 -9.84 -16.29
N ALA A 136 -15.93 -9.11 -15.35
CA ALA A 136 -16.88 -8.06 -15.72
C ALA A 136 -16.25 -6.70 -16.09
N GLY A 137 -14.95 -6.54 -15.96
CA GLY A 137 -14.32 -5.25 -16.29
C GLY A 137 -14.43 -4.21 -15.16
N LYS A 138 -14.75 -4.64 -13.95
CA LYS A 138 -14.92 -3.72 -12.82
C LYS A 138 -13.68 -3.61 -11.93
N ILE A 139 -12.86 -4.64 -11.98
CA ILE A 139 -11.56 -4.61 -11.37
C ILE A 139 -10.58 -5.23 -12.33
N ARG A 140 -9.35 -4.79 -12.21
CA ARG A 140 -8.31 -5.32 -13.08
C ARG A 140 -7.61 -6.49 -12.42
N ALA A 141 -7.59 -6.52 -11.09
CA ALA A 141 -6.85 -7.54 -10.28
C ALA A 141 -7.34 -7.53 -8.81
N TRP A 142 -7.16 -8.65 -8.12
CA TRP A 142 -7.50 -8.73 -6.70
C TRP A 142 -6.28 -9.15 -5.89
N GLY A 143 -6.31 -8.78 -4.62
CA GLY A 143 -5.34 -9.20 -3.64
C GLY A 143 -5.90 -9.24 -2.25
N VAL A 144 -4.98 -9.25 -1.29
CA VAL A 144 -5.39 -9.31 0.09
C VAL A 144 -4.57 -8.36 0.92
N SER A 145 -4.95 -8.25 2.17
CA SER A 145 -4.28 -7.39 3.10
C SER A 145 -4.33 -8.06 4.48
N ASN A 146 -3.29 -7.82 5.27
CA ASN A 146 -3.18 -8.43 6.60
C ASN A 146 -3.28 -9.93 6.64
N PHE A 147 -2.80 -10.59 5.60
CA PHE A 147 -2.86 -12.03 5.54
C PHE A 147 -1.50 -12.59 6.02
N ASP A 148 -1.54 -13.47 7.03
CA ASP A 148 -0.30 -14.05 7.54
C ASP A 148 0.01 -15.24 6.67
N VAL A 149 1.07 -15.98 7.01
CA VAL A 149 1.47 -17.12 6.16
C VAL A 149 0.43 -18.24 6.08
N ASP A 150 -0.24 -18.58 7.16
CA ASP A 150 -1.35 -19.55 7.07
C ASP A 150 -2.54 -19.04 6.27
N ASP A 151 -2.85 -17.76 6.37
CA ASP A 151 -3.97 -17.23 5.54
C ASP A 151 -3.63 -17.33 4.03
N MET A 152 -2.38 -17.07 3.67
CA MET A 152 -1.92 -17.20 2.32
C MET A 152 -1.99 -18.66 1.84
N GLU A 153 -1.58 -19.58 2.68
CA GLU A 153 -1.74 -20.99 2.32
C GLU A 153 -3.16 -21.37 2.09
N GLU A 154 -4.05 -20.94 2.97
CA GLU A 154 -5.46 -21.26 2.82
C GLU A 154 -5.97 -20.68 1.53
N LEU A 155 -5.52 -19.50 1.22
CA LEU A 155 -5.98 -18.82 0.02
C LEU A 155 -5.58 -19.58 -1.24
N SER A 156 -4.35 -20.06 -1.29
CA SER A 156 -3.89 -20.80 -2.47
C SER A 156 -4.74 -21.97 -2.71
N ALA A 157 -5.21 -22.59 -1.64
CA ALA A 157 -5.96 -23.82 -1.76
C ALA A 157 -7.27 -23.67 -2.45
N VAL A 158 -7.91 -22.51 -2.39
CA VAL A 158 -9.19 -22.32 -3.07
C VAL A 158 -9.01 -22.06 -4.56
N PRO A 159 -10.05 -22.35 -5.36
CA PRO A 159 -9.97 -22.15 -6.80
C PRO A 159 -9.60 -20.71 -7.17
N ASP A 160 -8.69 -20.55 -8.13
CA ASP A 160 -8.28 -19.23 -8.57
C ASP A 160 -7.48 -18.49 -7.51
N GLY A 161 -7.30 -19.09 -6.35
CA GLY A 161 -6.60 -18.45 -5.27
C GLY A 161 -5.15 -18.16 -5.59
N GLY A 162 -4.55 -18.88 -6.52
CA GLY A 162 -3.24 -18.54 -7.03
C GLY A 162 -3.19 -17.23 -7.83
N ASN A 163 -4.32 -16.60 -8.12
CA ASN A 163 -4.31 -15.33 -8.81
C ASN A 163 -4.05 -14.12 -7.93
N VAL A 164 -3.77 -14.34 -6.65
CA VAL A 164 -3.61 -13.20 -5.74
C VAL A 164 -2.55 -12.22 -6.28
N ALA A 165 -2.86 -10.92 -6.36
CA ALA A 165 -1.90 -9.94 -6.95
C ALA A 165 -1.02 -9.12 -5.97
N ALA A 166 -1.39 -9.09 -4.70
CA ALA A 166 -0.67 -8.37 -3.70
C ALA A 166 -1.12 -8.79 -2.34
N ASN A 167 -0.26 -8.58 -1.36
CA ASN A 167 -0.60 -8.63 0.05
C ASN A 167 -0.11 -7.38 0.73
N GLN A 168 -1.07 -6.59 1.20
CA GLN A 168 -0.79 -5.35 1.91
C GLN A 168 -0.70 -5.62 3.42
N VAL A 169 0.50 -5.42 3.96
CA VAL A 169 0.76 -5.70 5.37
C VAL A 169 1.60 -4.59 5.99
N LEU A 170 1.57 -4.53 7.32
CA LEU A 170 2.35 -3.51 8.02
C LEU A 170 3.84 -3.83 7.98
N TYR A 171 4.64 -2.89 7.48
CA TYR A 171 6.08 -3.12 7.39
C TYR A 171 6.82 -1.80 7.40
N ASN A 172 7.77 -1.68 8.32
CA ASN A 172 8.66 -0.49 8.45
C ASN A 172 9.82 -0.87 9.39
N LEU A 173 10.79 0.00 9.58
CA LEU A 173 11.97 -0.28 10.41
C LEU A 173 11.62 -0.80 11.78
N ALA A 174 10.53 -0.29 12.37
CA ALA A 174 10.06 -0.71 13.66
C ALA A 174 9.26 -2.00 13.66
N ARG A 175 8.85 -2.50 12.48
CA ARG A 175 8.01 -3.72 12.38
C ARG A 175 8.52 -4.58 11.26
N ARG A 176 9.58 -5.33 11.51
CA ARG A 176 10.22 -6.08 10.45
C ARG A 176 9.91 -7.57 10.49
N GLY A 177 8.91 -7.98 11.29
CA GLY A 177 8.60 -9.42 11.50
C GLY A 177 8.35 -10.25 10.24
N ILE A 178 7.77 -9.63 9.20
CA ILE A 178 7.54 -10.34 7.96
C ILE A 178 8.80 -10.80 7.22
N GLU A 179 9.95 -10.20 7.51
CA GLU A 179 11.21 -10.64 6.87
C GLU A 179 11.49 -12.08 7.09
N PHE A 180 10.99 -12.63 8.20
CA PHE A 180 11.33 -13.97 8.56
C PHE A 180 10.65 -14.99 7.69
N ASP A 181 9.40 -14.76 7.30
CA ASP A 181 8.66 -15.82 6.61
C ASP A 181 7.78 -15.26 5.49
N LEU A 182 6.89 -14.35 5.82
CA LEU A 182 5.91 -13.87 4.85
C LEU A 182 6.51 -13.11 3.65
N LEU A 183 7.45 -12.20 3.90
CA LEU A 183 8.02 -11.42 2.80
C LEU A 183 8.78 -12.30 1.78
N PRO A 184 9.65 -13.19 2.28
CA PRO A 184 10.27 -14.13 1.33
C PRO A 184 9.25 -14.98 0.56
N ARG A 185 8.16 -15.43 1.20
CA ARG A 185 7.19 -16.26 0.46
C ARG A 185 6.61 -15.48 -0.66
N CYS A 186 6.21 -14.25 -0.34
CA CYS A 186 5.61 -13.41 -1.33
C CYS A 186 6.56 -13.13 -2.48
N ARG A 187 7.81 -12.85 -2.14
CA ARG A 187 8.77 -12.55 -3.21
C ARG A 187 8.94 -13.78 -4.03
N ALA A 188 9.08 -14.93 -3.38
CA ALA A 188 9.31 -16.15 -4.13
C ALA A 188 8.11 -16.44 -5.02
N GLN A 189 6.96 -15.93 -4.65
CA GLN A 189 5.79 -16.13 -5.44
C GLN A 189 5.53 -15.04 -6.51
N GLY A 190 6.36 -14.01 -6.60
CA GLY A 190 6.08 -12.87 -7.48
C GLY A 190 4.86 -12.01 -7.06
N VAL A 191 4.55 -11.99 -5.77
CA VAL A 191 3.39 -11.26 -5.28
C VAL A 191 3.96 -10.04 -4.56
N PRO A 192 3.74 -8.84 -5.08
CA PRO A 192 4.25 -7.69 -4.29
C PRO A 192 3.64 -7.56 -2.91
N VAL A 193 4.48 -7.12 -1.98
CA VAL A 193 4.04 -6.62 -0.69
C VAL A 193 3.91 -5.11 -0.68
N MET A 194 2.70 -4.67 -0.31
CA MET A 194 2.44 -3.24 -0.10
C MET A 194 2.64 -2.97 1.38
N ALA A 195 3.63 -2.15 1.67
CA ALA A 195 3.99 -1.81 3.03
C ALA A 195 3.23 -0.65 3.49
N TYR A 196 2.22 -0.94 4.29
CA TYR A 196 1.43 0.12 4.89
C TYR A 196 2.06 0.61 6.17
N SER A 197 1.68 1.85 6.53
CA SER A 197 2.31 2.56 7.62
C SER A 197 3.83 2.53 7.60
N PRO A 198 4.43 2.98 6.51
CA PRO A 198 5.87 2.95 6.37
C PRO A 198 6.63 3.81 7.36
N LEU A 199 5.95 4.76 8.04
CA LEU A 199 6.56 5.59 9.15
C LEU A 199 6.05 5.22 10.55
N ASP A 200 5.40 4.07 10.62
CA ASP A 200 4.77 3.55 11.80
C ASP A 200 3.82 4.58 12.39
N GLU A 201 3.11 5.25 11.49
CA GLU A 201 2.19 6.27 11.88
C GLU A 201 2.85 7.42 12.63
N GLY A 202 4.15 7.65 12.42
CA GLY A 202 4.82 8.74 13.07
C GLY A 202 5.64 8.34 14.25
N ARG A 203 5.41 7.13 14.78
CA ARG A 203 6.10 6.68 15.98
C ARG A 203 7.59 6.53 15.75
N LEU A 204 7.95 6.18 14.51
CA LEU A 204 9.35 6.00 14.08
C LEU A 204 10.16 7.27 14.10
N LEU A 205 9.47 8.38 13.89
CA LEU A 205 10.15 9.60 13.59
C LEU A 205 10.88 10.20 14.82
N HIS A 206 10.66 9.64 16.01
CA HIS A 206 11.42 10.06 17.19
C HIS A 206 12.67 9.25 17.44
N ASP A 207 12.90 8.19 16.67
CA ASP A 207 14.09 7.42 16.89
C ASP A 207 15.39 8.22 16.59
N ALA A 208 16.33 8.12 17.51
CA ALA A 208 17.56 8.91 17.49
C ALA A 208 18.49 8.47 16.36
N ASP A 209 18.47 7.18 16.03
CA ASP A 209 19.36 6.68 14.99
C ASP A 209 18.89 7.17 13.65
N LEU A 210 17.59 7.18 13.50
CA LEU A 210 16.97 7.69 12.31
C LEU A 210 17.25 9.17 12.18
N ILE A 211 17.14 9.88 13.29
CA ILE A 211 17.40 11.31 13.27
C ILE A 211 18.88 11.54 12.96
N HIS A 212 19.75 10.80 13.58
CA HIS A 212 21.17 10.93 13.28
C HIS A 212 21.45 10.71 11.79
N ILE A 213 20.89 9.66 11.22
CA ILE A 213 21.20 9.36 9.82
C ILE A 213 20.60 10.42 8.93
N ALA A 214 19.43 10.89 9.32
CA ALA A 214 18.83 11.98 8.57
C ALA A 214 19.73 13.22 8.56
N LYS A 215 20.36 13.58 9.69
CA LYS A 215 21.25 14.77 9.70
C LYS A 215 22.42 14.53 8.76
N ALA A 216 22.94 13.32 8.75
CA ALA A 216 24.06 12.96 7.89
C ALA A 216 23.75 13.17 6.43
N HIS A 217 22.48 13.08 6.06
CA HIS A 217 22.04 13.28 4.65
C HIS A 217 21.24 14.55 4.39
N GLN A 218 21.15 15.41 5.39
CA GLN A 218 20.33 16.60 5.26
C GLN A 218 18.91 16.29 4.89
N ALA A 219 18.32 15.31 5.57
CA ALA A 219 17.04 14.75 5.20
C ALA A 219 16.14 14.70 6.42
N THR A 220 14.89 14.33 6.26
CA THR A 220 14.04 14.10 7.43
C THR A 220 14.15 12.65 7.81
N PRO A 221 13.84 12.30 9.07
CA PRO A 221 13.73 10.91 9.50
C PRO A 221 12.71 10.12 8.65
N ALA A 222 11.56 10.72 8.41
CA ALA A 222 10.57 10.15 7.50
C ALA A 222 11.16 9.75 6.13
N GLN A 223 11.93 10.65 5.54
CA GLN A 223 12.61 10.33 4.29
C GLN A 223 13.59 9.17 4.41
N VAL A 224 14.30 9.08 5.52
CA VAL A 224 15.27 7.99 5.68
C VAL A 224 14.49 6.67 5.90
N ALA A 225 13.34 6.74 6.57
CA ALA A 225 12.51 5.54 6.73
C ALA A 225 11.96 4.99 5.38
N LEU A 226 11.58 5.90 4.47
CA LEU A 226 11.16 5.49 3.14
C LEU A 226 12.33 5.04 2.28
N ALA A 227 13.52 5.64 2.46
CA ALA A 227 14.67 5.23 1.63
C ALA A 227 15.09 3.80 1.97
N PHE A 228 14.95 3.46 3.24
CA PHE A 228 15.08 2.06 3.64
C PHE A 228 14.21 1.16 2.81
N LEU A 229 12.91 1.45 2.76
CA LEU A 229 11.99 0.54 2.11
C LEU A 229 12.23 0.47 0.61
N LYS A 230 12.83 1.52 0.05
CA LYS A 230 13.22 1.49 -1.34
C LYS A 230 14.27 0.42 -1.62
N THR A 231 15.13 0.12 -0.67
CA THR A 231 16.13 -0.93 -0.82
C THR A 231 15.50 -2.33 -0.62
N CYS A 232 14.23 -2.40 -0.26
CA CYS A 232 13.57 -3.72 -0.16
C CYS A 232 12.84 -4.11 -1.46
N SER A 233 13.38 -5.12 -2.13
CA SER A 233 12.82 -5.55 -3.39
C SER A 233 11.44 -6.18 -3.20
N GLY A 234 10.59 -6.13 -4.24
CA GLY A 234 9.23 -6.66 -4.16
C GLY A 234 8.26 -5.94 -3.24
N VAL A 235 8.58 -4.69 -2.84
CA VAL A 235 7.83 -3.90 -1.86
C VAL A 235 7.44 -2.54 -2.46
N ILE A 236 6.20 -2.13 -2.17
CA ILE A 236 5.65 -0.87 -2.63
C ILE A 236 5.26 -0.20 -1.36
N SER A 237 5.88 0.94 -1.04
CA SER A 237 5.56 1.61 0.22
C SER A 237 4.40 2.56 0.00
N ILE A 238 3.61 2.76 1.06
CA ILE A 238 2.34 3.49 0.97
C ILE A 238 2.26 4.66 2.01
N PRO A 239 3.20 5.62 1.97
CA PRO A 239 3.09 6.75 2.89
C PRO A 239 1.83 7.58 2.66
N LYS A 240 1.24 8.08 3.73
CA LYS A 240 0.09 8.92 3.61
C LYS A 240 0.56 10.31 3.22
N THR A 241 -0.08 10.92 2.22
CA THR A 241 0.32 12.25 1.71
C THR A 241 -0.48 13.23 2.61
N GLY A 242 -1.53 13.85 2.09
CA GLY A 242 -2.33 14.77 2.87
C GLY A 242 -2.10 16.22 2.54
N SER A 243 -0.82 16.56 2.32
CA SER A 243 -0.37 17.93 2.05
C SER A 243 0.66 17.92 0.91
N PRO A 244 0.50 18.81 -0.04
CA PRO A 244 1.44 18.89 -1.15
C PRO A 244 2.94 18.92 -0.74
N GLU A 245 3.28 19.66 0.32
CA GLU A 245 4.67 19.68 0.87
C GLU A 245 5.11 18.27 1.27
N ARG A 246 4.21 17.53 1.94
CA ARG A 246 4.39 16.10 2.32
C ARG A 246 4.72 15.26 1.11
N ALA A 247 3.89 15.40 0.09
CA ALA A 247 4.08 14.67 -1.15
C ALA A 247 5.46 14.90 -1.77
N ARG A 248 5.97 16.12 -1.70
CA ARG A 248 7.26 16.42 -2.31
C ARG A 248 8.39 15.88 -1.49
N GLU A 249 8.20 15.91 -0.18
CA GLU A 249 9.09 15.30 0.79
C GLU A 249 9.20 13.83 0.54
N ASN A 250 8.05 13.17 0.42
CA ASN A 250 8.03 11.71 0.18
C ASN A 250 8.77 11.43 -1.13
N ARG A 251 8.47 12.21 -2.18
CA ARG A 251 9.10 12.00 -3.47
C ARG A 251 10.62 12.09 -3.34
N ASP A 252 11.14 13.11 -2.65
CA ASP A 252 12.57 13.31 -2.64
C ASP A 252 13.34 12.29 -1.79
N ALA A 253 12.63 11.60 -0.87
CA ALA A 253 13.20 10.52 -0.15
C ALA A 253 13.87 9.51 -1.09
N MET A 254 13.34 9.40 -2.33
CA MET A 254 13.87 8.46 -3.35
C MET A 254 15.21 8.87 -3.87
N ASP A 255 15.61 10.11 -3.59
CA ASP A 255 16.90 10.62 -4.04
C ASP A 255 18.02 10.25 -3.04
N ILE A 256 17.67 9.79 -1.84
CA ILE A 256 18.67 9.44 -0.82
C ILE A 256 19.48 8.21 -1.23
N HIS A 257 20.82 8.25 -1.05
CA HIS A 257 21.67 7.04 -1.20
C HIS A 257 22.11 6.57 0.17
N LEU A 258 21.50 5.49 0.62
CA LEU A 258 21.88 4.93 1.87
C LEU A 258 23.14 4.13 1.64
N THR A 259 24.18 4.46 2.37
CA THR A 259 25.44 3.78 2.25
C THR A 259 25.40 2.43 2.90
N THR A 260 26.44 1.71 2.58
CA THR A 260 26.68 0.43 3.16
C THR A 260 26.72 0.50 4.69
N GLU A 261 27.40 1.52 5.22
CA GLU A 261 27.47 1.75 6.64
C GLU A 261 26.05 2.13 7.17
N ASN A 262 25.28 2.86 6.37
CA ASN A 262 23.91 3.23 6.77
C ASN A 262 23.06 1.99 7.03
N LEU A 263 23.19 1.02 6.14
CA LEU A 263 22.30 -0.14 6.21
C LEU A 263 22.67 -1.02 7.40
N ALA A 264 23.96 -1.20 7.65
CA ALA A 264 24.39 -1.97 8.81
C ALA A 264 23.98 -1.26 10.10
N GLU A 265 24.04 0.07 10.09
CA GLU A 265 23.66 0.82 11.27
C GLU A 265 22.19 0.67 11.55
N LEU A 266 21.38 0.69 10.50
CA LEU A 266 19.94 0.53 10.68
C LEU A 266 19.59 -0.87 11.21
N ASP A 267 20.25 -1.87 10.67
CA ASP A 267 20.06 -3.18 11.20
C ASP A 267 20.44 -3.31 12.68
N ARG A 268 21.51 -2.63 13.09
CA ARG A 268 21.85 -2.65 14.51
C ARG A 268 20.79 -2.02 15.38
N HIS A 269 20.16 -0.97 14.90
CA HIS A 269 19.21 -0.27 15.74
C HIS A 269 17.78 -0.72 15.51
N PHE A 270 17.52 -1.35 14.35
CA PHE A 270 16.22 -1.90 14.02
C PHE A 270 16.41 -3.34 13.56
N PRO A 271 16.68 -4.23 14.52
CA PRO A 271 17.12 -5.61 14.25
C PRO A 271 16.10 -6.45 13.47
N PRO A 272 16.53 -7.07 12.34
CA PRO A 272 15.72 -8.04 11.58
C PRO A 272 15.29 -9.17 12.50
N PRO A 273 14.14 -9.80 12.25
CA PRO A 273 13.68 -10.89 13.14
C PRO A 273 14.58 -12.11 13.02
N ARG A 274 14.82 -12.77 14.13
CA ARG A 274 15.61 -13.97 14.17
C ARG A 274 14.70 -15.17 14.41
N ARG A 275 13.38 -14.97 14.48
CA ARG A 275 12.41 -16.05 14.66
C ARG A 275 11.02 -15.60 14.14
N LYS A 276 10.14 -16.57 13.93
CA LYS A 276 8.79 -16.32 13.43
C LYS A 276 8.05 -15.50 14.47
N THR A 277 7.41 -14.41 14.04
CA THR A 277 6.55 -13.61 14.94
C THR A 277 5.15 -13.46 14.37
N ARG A 278 4.17 -13.27 15.24
CA ARG A 278 2.81 -13.16 14.75
C ARG A 278 2.72 -11.90 13.95
N LEU A 279 1.97 -11.94 12.87
CA LEU A 279 1.84 -10.80 12.02
C LEU A 279 1.22 -9.62 12.79
N GLU A 280 1.90 -8.47 12.83
CA GLU A 280 1.33 -7.26 13.41
C GLU A 280 0.39 -6.53 12.47
N VAL A 281 -0.65 -5.93 13.03
CA VAL A 281 -1.73 -5.34 12.26
C VAL A 281 -2.09 -3.99 12.87
N ILE A 282 -2.33 -2.98 12.04
CA ILE A 282 -2.99 -1.77 12.47
C ILE A 282 -4.18 -1.49 11.58
#